data_3ME0
#
_entry.id   3ME0
#
_cell.length_a   103.665
_cell.length_b   65.845
_cell.length_c   56.525
_cell.angle_alpha   90.00
_cell.angle_beta   90.00
_cell.angle_gamma   90.00
#
_symmetry.space_group_name_H-M   'P 21 21 2'
#
loop_
_entity.id
_entity.type
_entity.pdbx_description
1 polymer 'Chaperone protein papD'
2 polymer 'PapG protein'
3 water water
#
loop_
_entity_poly.entity_id
_entity_poly.type
_entity_poly.pdbx_seq_one_letter_code
_entity_poly.pdbx_strand_id
1 'polypeptide(L)'
;AVSLDRTRAVFDGSEKS(MSE)TLDISNDNKQLPYLAQAWIENENQEKIITGPVIATPPVQRLEPGAKS(MSE)VRLSTT
PDISKLPQDRESLFYFNLREIPPRSEKANVLQIALQTKIKLFYRPAAIKTRPNEVWQDQLILNKVSGGYRIENPTPYYVT
VIGLGGSEKQAEEGEFETV(MSE)LSPRSEQTVKSANYNTPYLSYINDYGGRPVLSFICNGSRCSVKKEK
;
A
2 'polypeptide(L)'
;HHHHHHGGCRPSAQSLEIKHGDLSINSANNHYAAQTLSVSCDVPANIRFMLLRNTTPTYSHGKKFSVGLGHGWDSIVSVN
GVDTGETTMRWYKAGTQNLTIGSRLYGESSKIQPGVLSGSATLLMILP
;
B
#
# COMPACT_ATOMS: atom_id res chain seq x y z
N ALA A 1 8.01 4.69 -10.32
CA ALA A 1 9.43 4.89 -10.69
C ALA A 1 10.33 4.55 -9.49
N VAL A 2 9.97 5.04 -8.32
CA VAL A 2 10.73 4.80 -7.13
C VAL A 2 10.11 3.64 -6.29
N SER A 3 10.79 2.53 -6.23
CA SER A 3 10.27 1.38 -5.54
C SER A 3 10.92 1.15 -4.18
N LEU A 4 10.19 0.46 -3.34
CA LEU A 4 10.56 0.20 -1.99
C LEU A 4 10.88 -1.31 -1.89
N ASP A 5 11.74 -1.69 -0.97
CA ASP A 5 12.26 -3.07 -0.94
C ASP A 5 11.35 -4.07 -0.17
N ARG A 6 10.25 -3.60 0.43
CA ARG A 6 9.45 -4.47 1.30
C ARG A 6 8.00 -4.00 1.37
N THR A 7 7.10 -4.89 1.87
CA THR A 7 5.67 -4.57 1.98
C THR A 7 5.30 -4.24 3.41
N ARG A 8 6.23 -4.42 4.31
CA ARG A 8 6.07 -4.02 5.71
C ARG A 8 7.43 -3.87 6.30
N ALA A 9 7.53 -3.10 7.37
CA ALA A 9 8.82 -2.89 8.04
C ALA A 9 8.69 -3.27 9.52
N VAL A 10 9.68 -3.99 10.02
CA VAL A 10 9.76 -4.32 11.41
C VAL A 10 10.93 -3.60 12.01
N PHE A 11 10.67 -2.66 12.93
CA PHE A 11 11.73 -1.97 13.65
C PHE A 11 12.07 -2.71 14.97
N ASP A 12 13.23 -3.30 14.97
CA ASP A 12 13.79 -3.94 16.12
C ASP A 12 14.25 -2.89 17.12
N GLY A 13 13.54 -2.81 18.26
CA GLY A 13 13.82 -1.82 19.27
C GLY A 13 15.20 -1.96 19.94
N SER A 14 15.87 -3.08 19.72
CA SER A 14 17.24 -3.27 20.18
C SER A 14 18.19 -2.31 19.50
N GLU A 15 17.77 -1.77 18.36
CA GLU A 15 18.63 -0.92 17.55
C GLU A 15 18.15 0.48 17.62
N LYS A 16 19.04 1.40 17.30
CA LYS A 16 18.70 2.80 17.32
C LYS A 16 18.13 3.22 15.98
N SER A 17 18.51 2.50 14.93
CA SER A 17 18.05 2.82 13.59
C SER A 17 18.10 1.64 12.65
N MSE A 18 17.42 1.79 11.52
CA MSE A 18 17.47 0.83 10.46
C MSE A 18 17.28 1.56 9.18
O MSE A 18 16.89 2.71 9.17
CB MSE A 18 16.36 -0.19 10.62
CG MSE A 18 15.00 0.39 10.35
SE MSE A 18 13.52 -0.90 10.51
CE MSE A 18 13.98 -2.20 9.05
N THR A 19 17.52 0.89 8.09
CA THR A 19 17.38 1.49 6.80
C THR A 19 16.47 0.68 5.92
N LEU A 20 15.74 1.39 5.03
CA LEU A 20 14.95 0.77 3.95
C LEU A 20 15.55 1.21 2.64
N ASP A 21 15.77 0.25 1.74
CA ASP A 21 16.33 0.55 0.41
C ASP A 21 15.24 1.02 -0.54
N ILE A 22 15.56 2.04 -1.33
CA ILE A 22 14.68 2.49 -2.37
C ILE A 22 15.44 2.64 -3.66
N SER A 23 14.76 2.53 -4.78
CA SER A 23 15.42 2.55 -6.06
C SER A 23 14.65 3.38 -7.02
N ASN A 24 15.35 4.29 -7.70
CA ASN A 24 14.75 4.95 -8.84
C ASN A 24 14.99 4.08 -10.03
N ASP A 25 13.95 3.34 -10.39
CA ASP A 25 14.04 2.37 -11.47
C ASP A 25 13.91 3.04 -12.84
N ASN A 26 13.51 4.30 -12.86
CA ASN A 26 13.45 5.03 -14.11
C ASN A 26 14.88 5.48 -14.51
N LYS A 27 15.33 5.05 -15.69
CA LYS A 27 16.71 5.28 -16.13
C LYS A 27 16.86 6.54 -16.95
N GLN A 28 15.76 7.25 -17.17
CA GLN A 28 15.80 8.47 -17.94
C GLN A 28 15.68 9.73 -17.12
N LEU A 29 14.97 9.66 -15.96
CA LEU A 29 14.57 10.88 -15.22
C LEU A 29 14.91 10.81 -13.74
N PRO A 30 15.19 11.97 -13.14
CA PRO A 30 15.38 12.00 -11.71
C PRO A 30 14.03 12.12 -11.02
N TYR A 31 13.90 11.55 -9.83
CA TYR A 31 12.67 11.67 -9.02
C TYR A 31 13.06 12.05 -7.62
N LEU A 32 12.21 12.83 -6.96
CA LEU A 32 12.35 13.02 -5.54
C LEU A 32 11.60 11.90 -4.83
N ALA A 33 12.08 11.53 -3.69
CA ALA A 33 11.45 10.55 -2.88
C ALA A 33 11.15 11.18 -1.52
N GLN A 34 9.86 11.36 -1.21
CA GLN A 34 9.44 11.86 0.11
C GLN A 34 9.15 10.70 0.96
N ALA A 35 9.68 10.72 2.18
CA ALA A 35 9.43 9.67 3.18
C ALA A 35 8.95 10.31 4.47
N TRP A 36 7.94 9.72 5.11
CA TRP A 36 7.50 10.19 6.41
C TRP A 36 6.79 9.10 7.19
N ILE A 37 6.54 9.38 8.45
CA ILE A 37 6.01 8.40 9.34
C ILE A 37 4.67 8.88 9.83
N GLU A 38 3.73 7.92 9.95
CA GLU A 38 2.43 8.15 10.56
C GLU A 38 2.25 7.21 11.74
N ASN A 39 1.46 7.60 12.72
CA ASN A 39 1.24 6.75 13.89
C ASN A 39 0.13 5.81 13.64
N GLU A 40 -0.27 5.06 14.66
CA GLU A 40 -1.31 4.04 14.49
C GLU A 40 -2.64 4.60 13.98
N ASN A 41 -2.88 5.89 14.22
CA ASN A 41 -4.13 6.54 13.77
C ASN A 41 -3.97 7.29 12.49
N GLN A 42 -2.83 7.05 11.82
CA GLN A 42 -2.51 7.68 10.55
C GLN A 42 -2.37 9.20 10.65
N GLU A 43 -1.95 9.68 11.80
CA GLU A 43 -1.53 11.04 11.92
C GLU A 43 -0.08 11.10 11.58
N LYS A 44 0.27 12.08 10.79
CA LYS A 44 1.65 12.29 10.45
C LYS A 44 2.39 12.80 11.66
N ILE A 45 3.50 12.19 11.97
CA ILE A 45 4.25 12.59 13.09
C ILE A 45 5.64 12.96 12.63
N ILE A 46 6.13 14.10 13.10
CA ILE A 46 7.39 14.64 12.57
C ILE A 46 8.53 14.78 13.62
N THR A 47 8.19 14.67 14.89
CA THR A 47 9.18 14.82 15.93
C THR A 47 9.38 13.53 16.77
N GLY A 48 8.86 12.41 16.27
CA GLY A 48 9.09 11.15 16.93
C GLY A 48 7.80 10.54 17.39
N PRO A 49 7.88 9.39 18.06
CA PRO A 49 9.09 8.73 18.54
C PRO A 49 9.83 7.95 17.45
N VAL A 50 9.24 7.80 16.28
CA VAL A 50 9.92 7.22 15.12
C VAL A 50 9.98 8.29 14.05
N ILE A 51 11.16 8.48 13.49
CA ILE A 51 11.36 9.45 12.47
C ILE A 51 12.01 8.83 11.23
N ALA A 52 11.73 9.41 10.08
CA ALA A 52 12.32 8.99 8.82
C ALA A 52 13.20 10.10 8.27
N THR A 53 14.38 9.77 7.83
CA THR A 53 15.28 10.77 7.27
C THR A 53 15.98 10.24 6.06
N PRO A 54 16.21 11.10 5.05
CA PRO A 54 15.71 12.44 4.91
C PRO A 54 14.24 12.46 4.52
N PRO A 55 13.52 13.54 4.88
CA PRO A 55 12.15 13.70 4.48
C PRO A 55 11.98 13.73 2.97
N VAL A 56 12.95 14.33 2.27
CA VAL A 56 12.97 14.34 0.80
C VAL A 56 14.41 14.17 0.32
N GLN A 57 14.57 13.46 -0.78
CA GLN A 57 15.84 13.31 -1.41
C GLN A 57 15.61 13.16 -2.90
N ARG A 58 16.62 13.51 -3.68
CA ARG A 58 16.56 13.38 -5.11
C ARG A 58 17.32 12.15 -5.51
N LEU A 59 16.75 11.39 -6.42
CA LEU A 59 17.40 10.22 -6.95
C LEU A 59 17.62 10.44 -8.40
N GLU A 60 18.86 10.42 -8.80
CA GLU A 60 19.20 10.54 -10.18
C GLU A 60 18.65 9.34 -10.97
N PRO A 61 18.61 9.44 -12.29
CA PRO A 61 18.16 8.32 -13.05
C PRO A 61 18.92 7.05 -12.66
N GLY A 62 18.16 6.03 -12.28
CA GLY A 62 18.74 4.71 -12.02
C GLY A 62 19.32 4.53 -10.63
N ALA A 63 19.32 5.58 -9.83
CA ALA A 63 20.04 5.56 -8.57
C ALA A 63 19.33 4.74 -7.48
N LYS A 64 20.12 4.14 -6.61
CA LYS A 64 19.59 3.50 -5.42
C LYS A 64 19.92 4.35 -4.24
N SER A 65 19.08 4.31 -3.25
CA SER A 65 19.37 4.95 -2.04
C SER A 65 18.70 4.27 -0.89
N MSE A 66 18.51 5.05 0.14
CA MSE A 66 17.98 4.63 1.39
CA MSE A 66 17.86 4.45 1.35
C MSE A 66 17.19 5.53 2.22
O MSE A 66 17.39 6.75 2.12
CB MSE A 66 18.76 3.48 2.11
CB MSE A 66 18.80 3.66 2.19
CG MSE A 66 20.09 3.93 2.76
CG MSE A 66 20.01 4.35 2.62
SE MSE A 66 21.33 2.33 3.24
SE MSE A 66 19.69 5.42 4.20
CE MSE A 66 22.06 1.89 1.39
CE MSE A 66 21.48 6.19 4.43
N VAL A 67 16.32 5.04 3.04
CA VAL A 67 15.69 5.90 4.05
C VAL A 67 16.02 5.35 5.39
N ARG A 68 16.46 6.21 6.30
CA ARG A 68 16.81 5.76 7.62
C ARG A 68 15.70 6.01 8.58
N LEU A 69 15.36 5.01 9.34
CA LEU A 69 14.35 5.15 10.40
C LEU A 69 15.05 5.11 11.73
N SER A 70 14.74 6.03 12.60
CA SER A 70 15.31 6.01 13.95
C SER A 70 14.35 6.49 14.98
N THR A 71 14.72 6.32 16.22
CA THR A 71 13.83 6.57 17.30
C THR A 71 14.29 7.75 18.11
N THR A 72 13.35 8.39 18.78
CA THR A 72 13.67 9.45 19.70
C THR A 72 13.61 8.88 21.11
N PRO A 73 14.21 9.58 22.10
CA PRO A 73 14.16 9.07 23.49
C PRO A 73 12.76 8.72 23.95
N ASP A 74 11.76 9.46 23.48
CA ASP A 74 10.37 9.21 23.89
C ASP A 74 9.82 7.88 23.40
N ILE A 75 10.62 7.16 22.61
CA ILE A 75 10.27 5.77 22.22
C ILE A 75 10.08 4.89 23.50
N SER A 76 10.79 5.28 24.57
CA SER A 76 10.71 4.57 25.86
C SER A 76 9.31 4.57 26.45
N LYS A 77 8.52 5.57 26.09
CA LYS A 77 7.17 5.71 26.60
C LYS A 77 6.17 4.71 25.95
N LEU A 78 6.58 4.05 24.86
CA LEU A 78 5.74 3.04 24.26
C LEU A 78 5.73 1.81 25.14
N PRO A 79 4.68 1.00 25.02
CA PRO A 79 4.71 -0.26 25.76
C PRO A 79 5.87 -1.11 25.34
N GLN A 80 6.42 -1.88 26.26
CA GLN A 80 7.65 -2.60 25.99
C GLN A 80 7.46 -4.07 25.95
N ASP A 81 6.24 -4.51 26.15
CA ASP A 81 5.94 -5.93 26.08
C ASP A 81 4.97 -6.28 24.87
N ARG A 82 4.83 -5.33 23.92
CA ARG A 82 4.01 -5.52 22.72
C ARG A 82 4.44 -4.54 21.67
N GLU A 83 4.11 -4.85 20.40
CA GLU A 83 4.40 -3.93 19.28
C GLU A 83 3.53 -2.74 19.34
N SER A 84 4.03 -1.65 18.76
CA SER A 84 3.24 -0.49 18.46
C SER A 84 3.21 -0.29 16.94
N LEU A 85 2.15 0.30 16.43
CA LEU A 85 1.96 0.42 14.97
C LEU A 85 2.27 1.79 14.48
N PHE A 86 3.08 1.85 13.41
CA PHE A 86 3.27 3.05 12.65
C PHE A 86 3.09 2.72 11.20
N TYR A 87 3.10 3.73 10.35
CA TYR A 87 3.09 3.53 8.90
C TYR A 87 4.24 4.28 8.28
N PHE A 88 4.91 3.63 7.34
CA PHE A 88 5.95 4.30 6.55
C PHE A 88 5.37 4.66 5.22
N ASN A 89 5.59 5.91 4.79
CA ASN A 89 5.05 6.39 3.54
C ASN A 89 6.14 6.87 2.63
N LEU A 90 6.05 6.48 1.38
CA LEU A 90 6.99 6.91 0.35
C LEU A 90 6.22 7.47 -0.82
N ARG A 91 6.46 8.72 -1.15
CA ARG A 91 5.85 9.33 -2.29
C ARG A 91 6.91 9.85 -3.22
N GLU A 92 6.74 9.56 -4.49
CA GLU A 92 7.66 10.02 -5.51
C GLU A 92 7.17 11.34 -6.04
N ILE A 93 8.10 12.18 -6.45
CA ILE A 93 7.76 13.40 -7.15
C ILE A 93 8.50 13.40 -8.48
N PRO A 94 7.77 13.26 -9.59
CA PRO A 94 8.36 13.24 -10.89
C PRO A 94 8.67 14.62 -11.32
N PRO A 95 9.54 14.76 -12.30
CA PRO A 95 9.91 16.11 -12.73
C PRO A 95 8.88 16.77 -13.60
N ARG A 96 9.20 18.00 -14.05
CA ARG A 96 8.40 18.73 -15.09
C ARG A 96 6.89 18.61 -14.79
N SER A 97 6.05 18.14 -15.75
CA SER A 97 6.44 17.79 -17.13
C SER A 97 6.23 18.99 -18.07
N GLU A 98 6.95 19.01 -19.18
CA GLU A 98 6.93 20.18 -20.05
C GLU A 98 6.07 19.96 -21.32
N LYS A 99 5.22 18.94 -21.30
CA LYS A 99 4.33 18.66 -22.42
C LYS A 99 2.95 19.24 -22.14
N ALA A 100 2.31 19.74 -23.18
CA ALA A 100 1.05 20.36 -23.05
C ALA A 100 -0.06 19.32 -22.93
N ASN A 101 -1.06 19.62 -22.11
CA ASN A 101 -2.24 18.80 -21.98
C ASN A 101 -1.93 17.43 -21.44
N VAL A 102 -1.39 17.40 -20.21
CA VAL A 102 -1.01 16.13 -19.58
C VAL A 102 -1.56 16.02 -18.19
N LEU A 103 -1.96 14.82 -17.84
CA LEU A 103 -2.26 14.48 -16.48
C LEU A 103 -1.09 13.67 -15.96
N GLN A 104 -0.50 14.15 -14.90
CA GLN A 104 0.67 13.51 -14.34
C GLN A 104 0.25 12.74 -13.11
N ILE A 105 0.72 11.50 -13.01
CA ILE A 105 0.44 10.68 -11.83
C ILE A 105 1.73 10.37 -11.09
N ALA A 106 1.70 10.56 -9.78
CA ALA A 106 2.80 10.20 -8.92
C ALA A 106 2.37 8.99 -8.10
N LEU A 107 3.29 8.07 -7.87
CA LEU A 107 3.00 6.89 -7.02
C LEU A 107 3.36 7.17 -5.54
N GLN A 108 2.52 6.67 -4.65
CA GLN A 108 2.80 6.70 -3.24
C GLN A 108 2.55 5.33 -2.67
N THR A 109 3.30 4.98 -1.66
CA THR A 109 3.19 3.70 -1.02
C THR A 109 3.04 3.85 0.47
N LYS A 110 2.11 3.09 1.05
CA LYS A 110 1.92 3.09 2.45
C LYS A 110 2.02 1.68 3.01
N ILE A 111 3.04 1.43 3.83
CA ILE A 111 3.22 0.16 4.43
C ILE A 111 3.21 0.22 5.95
N LYS A 112 2.87 -0.90 6.58
CA LYS A 112 2.90 -1.00 8.01
C LYS A 112 4.31 -1.06 8.50
N LEU A 113 4.55 -0.34 9.60
CA LEU A 113 5.85 -0.27 10.27
C LEU A 113 5.64 -0.70 11.74
N PHE A 114 6.10 -1.88 12.08
CA PHE A 114 5.88 -2.41 13.39
C PHE A 114 7.05 -2.12 14.28
N TYR A 115 6.84 -1.31 15.32
CA TYR A 115 7.84 -1.14 16.34
C TYR A 115 7.77 -2.30 17.26
N ARG A 116 8.85 -3.06 17.27
CA ARG A 116 8.97 -4.26 18.05
C ARG A 116 10.00 -4.08 19.15
N PRO A 117 9.53 -3.82 20.36
CA PRO A 117 10.42 -3.61 21.49
C PRO A 117 11.37 -4.77 21.71
N ALA A 118 12.53 -4.45 22.25
CA ALA A 118 13.63 -5.40 22.42
C ALA A 118 13.23 -6.65 23.14
N ALA A 119 12.40 -6.50 24.16
CA ALA A 119 11.96 -7.66 24.97
C ALA A 119 11.23 -8.74 24.17
N ILE A 120 10.61 -8.37 23.04
CA ILE A 120 9.84 -9.36 22.23
C ILE A 120 10.52 -9.61 20.86
N LYS A 121 11.81 -9.26 20.79
CA LYS A 121 12.62 -9.55 19.63
C LYS A 121 12.46 -10.97 19.25
N THR A 122 12.42 -11.24 17.94
CA THR A 122 12.14 -12.56 17.45
C THR A 122 13.33 -13.19 16.77
N ARG A 123 13.38 -14.52 16.78
CA ARG A 123 14.39 -15.25 15.99
C ARG A 123 13.99 -15.20 14.56
N PRO A 124 14.96 -15.30 13.66
CA PRO A 124 14.55 -15.23 12.27
C PRO A 124 13.56 -16.33 11.97
N ASN A 125 12.54 -16.03 11.19
CA ASN A 125 11.55 -17.05 10.79
C ASN A 125 10.77 -17.68 11.96
N GLU A 126 10.81 -17.04 13.14
CA GLU A 126 9.96 -17.43 14.24
C GLU A 126 8.52 -17.34 13.83
N VAL A 127 7.69 -18.22 14.39
CA VAL A 127 6.26 -18.27 14.07
C VAL A 127 5.45 -18.20 15.36
N TRP A 128 4.70 -17.13 15.50
CA TRP A 128 3.81 -16.96 16.63
C TRP A 128 2.37 -17.02 16.21
N GLN A 129 2.14 -16.95 14.91
CA GLN A 129 0.80 -16.87 14.39
C GLN A 129 0.00 -18.18 14.57
N ASP A 130 0.71 -19.27 14.86
CA ASP A 130 0.05 -20.51 15.18
C ASP A 130 -0.55 -20.50 16.60
N GLN A 131 -0.43 -19.38 17.30
CA GLN A 131 -1.04 -19.23 18.60
C GLN A 131 -2.43 -18.62 18.52
N LEU A 132 -2.86 -18.24 17.30
CA LEU A 132 -4.19 -17.74 17.12
C LEU A 132 -5.21 -18.82 17.55
N ILE A 133 -6.33 -18.36 18.10
CA ILE A 133 -7.46 -19.23 18.45
C ILE A 133 -8.70 -18.70 17.77
N LEU A 134 -9.49 -19.61 17.20
CA LEU A 134 -10.73 -19.27 16.52
C LEU A 134 -11.94 -19.63 17.42
N ASN A 135 -12.82 -18.65 17.67
CA ASN A 135 -14.10 -18.90 18.38
C ASN A 135 -15.26 -18.89 17.42
N LYS A 136 -16.04 -19.95 17.41
CA LYS A 136 -17.21 -20.04 16.53
C LYS A 136 -18.29 -19.05 17.01
N VAL A 137 -18.69 -18.15 16.14
CA VAL A 137 -19.72 -17.17 16.49
C VAL A 137 -20.74 -17.05 15.39
N SER A 138 -21.88 -16.48 15.75
CA SER A 138 -22.92 -16.27 14.80
C SER A 138 -22.38 -15.53 13.61
N GLY A 139 -22.34 -16.21 12.47
CA GLY A 139 -21.92 -15.59 11.23
C GLY A 139 -20.40 -15.52 10.98
N GLY A 140 -19.60 -16.18 11.82
CA GLY A 140 -18.18 -16.25 11.58
C GLY A 140 -17.34 -16.73 12.74
N TYR A 141 -16.19 -16.07 12.94
CA TYR A 141 -15.26 -16.45 13.98
C TYR A 141 -14.80 -15.25 14.74
N ARG A 142 -14.62 -15.41 16.04
CA ARG A 142 -13.89 -14.41 16.78
C ARG A 142 -12.47 -14.91 17.00
N ILE A 143 -11.53 -14.22 16.39
CA ILE A 143 -10.14 -14.64 16.38
C ILE A 143 -9.40 -13.94 17.54
N GLU A 144 -8.73 -14.73 18.37
CA GLU A 144 -8.01 -14.19 19.50
C GLU A 144 -6.55 -14.17 19.17
N ASN A 145 -5.93 -13.04 19.38
CA ASN A 145 -4.50 -12.91 19.19
C ASN A 145 -3.88 -12.65 20.53
N PRO A 146 -3.34 -13.71 21.16
CA PRO A 146 -2.77 -13.58 22.48
C PRO A 146 -1.30 -13.17 22.45
N THR A 147 -0.74 -13.03 21.26
CA THR A 147 0.66 -12.75 21.11
C THR A 147 0.88 -11.27 21.31
N PRO A 148 2.13 -10.89 21.52
CA PRO A 148 2.52 -9.48 21.58
C PRO A 148 2.70 -8.80 20.24
N TYR A 149 2.30 -9.46 19.15
CA TYR A 149 2.52 -8.93 17.79
C TYR A 149 1.23 -8.59 17.11
N TYR A 150 1.25 -7.62 16.22
CA TYR A 150 0.13 -7.40 15.31
C TYR A 150 0.09 -8.58 14.40
N VAL A 151 -1.10 -9.18 14.22
CA VAL A 151 -1.24 -10.31 13.29
C VAL A 151 -2.23 -9.95 12.16
N THR A 152 -1.78 -10.07 10.91
CA THR A 152 -2.62 -9.75 9.76
C THR A 152 -3.13 -11.01 9.13
N VAL A 153 -4.44 -11.19 9.21
CA VAL A 153 -5.12 -12.38 8.66
C VAL A 153 -5.67 -12.00 7.31
N ILE A 154 -5.24 -12.71 6.27
CA ILE A 154 -5.66 -12.35 4.93
C ILE A 154 -6.53 -13.42 4.28
N GLY A 155 -6.68 -14.56 4.92
CA GLY A 155 -7.53 -15.60 4.38
C GLY A 155 -8.05 -16.51 5.43
N LEU A 156 -9.23 -17.05 5.19
CA LEU A 156 -9.87 -17.97 6.09
C LEU A 156 -10.85 -18.79 5.28
N GLY A 157 -10.64 -20.06 5.22
CA GLY A 157 -11.49 -20.91 4.39
C GLY A 157 -11.58 -22.30 4.93
N GLY A 158 -12.31 -23.16 4.21
CA GLY A 158 -12.51 -24.51 4.63
C GLY A 158 -11.50 -25.44 4.04
N SER A 159 -10.72 -24.93 3.10
CA SER A 159 -9.61 -25.66 2.54
C SER A 159 -8.40 -24.72 2.40
N GLU A 160 -7.27 -25.29 2.09
CA GLU A 160 -6.06 -24.54 1.98
C GLU A 160 -6.18 -23.59 0.80
N LYS A 161 -6.76 -24.09 -0.29
CA LYS A 161 -6.93 -23.31 -1.49
C LYS A 161 -7.86 -22.16 -1.27
N GLN A 162 -8.91 -22.39 -0.46
CA GLN A 162 -9.87 -21.33 -0.17
C GLN A 162 -9.29 -20.28 0.80
N ALA A 163 -8.40 -20.71 1.70
CA ALA A 163 -7.68 -19.77 2.57
C ALA A 163 -6.81 -18.82 1.72
N GLU A 164 -6.30 -19.32 0.60
CA GLU A 164 -5.41 -18.53 -0.26
C GLU A 164 -6.15 -17.70 -1.28
N GLU A 165 -7.23 -18.25 -1.84
CA GLU A 165 -7.89 -17.60 -2.98
C GLU A 165 -9.30 -17.17 -2.69
N GLY A 166 -9.83 -17.57 -1.54
CA GLY A 166 -11.16 -17.18 -1.15
C GLY A 166 -11.25 -15.71 -0.86
N GLU A 167 -12.45 -15.18 -0.96
CA GLU A 167 -12.66 -13.80 -0.70
C GLU A 167 -12.78 -13.58 0.81
N PHE A 168 -12.00 -12.65 1.32
CA PHE A 168 -11.92 -12.42 2.72
C PHE A 168 -11.56 -10.98 3.01
N GLU A 169 -12.21 -10.43 4.00
CA GLU A 169 -11.94 -9.11 4.40
C GLU A 169 -10.76 -9.11 5.36
N THR A 170 -9.63 -8.64 4.88
CA THR A 170 -8.41 -8.59 5.68
C THR A 170 -8.67 -7.99 7.06
N VAL A 171 -8.17 -8.63 8.10
CA VAL A 171 -8.21 -8.04 9.43
C VAL A 171 -6.86 -8.13 10.12
N MSE A 172 -6.45 -7.04 10.74
CA MSE A 172 -5.25 -7.05 11.52
C MSE A 172 -5.59 -6.98 12.99
O MSE A 172 -6.21 -6.02 13.46
CB MSE A 172 -4.34 -5.90 11.16
CG MSE A 172 -3.11 -5.86 11.96
SE MSE A 172 -1.85 -4.54 11.37
CE MSE A 172 -2.97 -2.89 11.57
N LEU A 173 -5.17 -8.01 13.73
CA LEU A 173 -5.35 -8.06 15.15
C LEU A 173 -4.18 -7.44 15.89
N SER A 174 -4.50 -6.47 16.75
CA SER A 174 -3.53 -5.87 17.64
C SER A 174 -3.05 -6.88 18.59
N PRO A 175 -1.86 -6.66 19.16
CA PRO A 175 -1.34 -7.52 20.23
C PRO A 175 -2.38 -7.81 21.32
N ARG A 176 -2.45 -9.05 21.75
CA ARG A 176 -3.36 -9.40 22.88
C ARG A 176 -4.76 -8.77 22.68
N SER A 177 -5.41 -9.15 21.62
CA SER A 177 -6.73 -8.65 21.34
C SER A 177 -7.54 -9.70 20.63
N GLU A 178 -8.76 -9.36 20.30
CA GLU A 178 -9.60 -10.27 19.60
C GLU A 178 -10.51 -9.54 18.72
N GLN A 179 -10.85 -10.16 17.61
CA GLN A 179 -11.68 -9.53 16.64
C GLN A 179 -12.59 -10.53 15.98
N THR A 180 -13.83 -10.11 15.73
CA THR A 180 -14.81 -10.99 15.11
C THR A 180 -14.83 -10.82 13.63
N VAL A 181 -14.83 -11.95 12.95
CA VAL A 181 -14.67 -12.00 11.53
C VAL A 181 -15.90 -12.73 10.88
N LYS A 182 -16.37 -12.21 9.75
CA LYS A 182 -17.51 -12.84 9.01
C LYS A 182 -17.00 -14.00 8.18
N SER A 183 -17.67 -15.14 8.29
CA SER A 183 -17.24 -16.34 7.62
C SER A 183 -18.32 -17.44 7.63
N ALA A 184 -18.32 -18.25 6.57
CA ALA A 184 -18.99 -19.51 6.58
C ALA A 184 -18.38 -20.35 7.69
N ASN A 185 -19.13 -21.32 8.18
CA ASN A 185 -18.60 -22.26 9.16
C ASN A 185 -17.81 -23.30 8.46
N TYR A 186 -16.68 -23.67 9.04
CA TYR A 186 -15.80 -24.64 8.40
C TYR A 186 -15.51 -25.75 9.34
N ASN A 187 -15.59 -26.95 8.83
CA ASN A 187 -15.32 -28.12 9.62
C ASN A 187 -13.86 -28.19 10.01
N THR A 188 -13.02 -27.83 9.07
CA THR A 188 -11.60 -27.75 9.32
C THR A 188 -11.10 -26.41 8.75
N PRO A 189 -11.10 -25.36 9.58
CA PRO A 189 -10.68 -24.03 9.12
C PRO A 189 -9.24 -23.99 8.71
N TYR A 190 -8.97 -23.26 7.65
CA TYR A 190 -7.62 -22.94 7.22
C TYR A 190 -7.47 -21.43 7.22
N LEU A 191 -6.37 -20.94 7.76
CA LEU A 191 -6.15 -19.52 7.90
C LEU A 191 -4.81 -19.13 7.27
N SER A 192 -4.82 -18.02 6.54
CA SER A 192 -3.61 -17.49 5.95
C SER A 192 -3.28 -16.13 6.61
N TYR A 193 -2.02 -15.91 6.89
CA TYR A 193 -1.58 -14.70 7.59
C TYR A 193 -0.35 -14.20 6.88
N ILE A 194 0.01 -12.92 7.08
CA ILE A 194 1.24 -12.33 6.44
C ILE A 194 2.32 -12.21 7.45
N ASN A 195 3.47 -12.80 7.17
CA ASN A 195 4.60 -12.77 8.09
C ASN A 195 5.55 -11.58 7.86
N ASP A 196 6.59 -11.50 8.68
CA ASP A 196 7.52 -10.39 8.63
C ASP A 196 8.07 -10.17 7.21
N TYR A 197 8.32 -11.27 6.50
CA TYR A 197 8.92 -11.24 5.20
C TYR A 197 7.95 -10.74 4.15
N GLY A 198 6.66 -10.83 4.43
CA GLY A 198 5.64 -10.42 3.49
C GLY A 198 5.01 -11.58 2.77
N GLY A 199 5.37 -12.79 3.16
CA GLY A 199 4.77 -13.98 2.56
C GLY A 199 3.51 -14.41 3.33
N ARG A 200 2.77 -15.41 2.80
CA ARG A 200 1.48 -15.84 3.42
C ARG A 200 1.41 -17.33 3.68
N PRO A 201 1.90 -17.75 4.82
CA PRO A 201 1.76 -19.11 5.15
C PRO A 201 0.28 -19.45 5.46
N VAL A 202 -0.03 -20.74 5.42
CA VAL A 202 -1.35 -21.21 5.73
C VAL A 202 -1.27 -22.11 6.95
N LEU A 203 -2.23 -21.96 7.84
CA LEU A 203 -2.28 -22.76 9.02
C LEU A 203 -3.54 -23.58 8.98
N SER A 204 -3.44 -24.85 9.40
CA SER A 204 -4.61 -25.76 9.53
C SER A 204 -5.12 -25.79 11.02
N PHE A 205 -6.42 -25.55 11.21
CA PHE A 205 -7.01 -25.54 12.54
C PHE A 205 -7.86 -26.80 12.76
N ILE A 206 -7.99 -27.20 14.02
CA ILE A 206 -8.89 -28.26 14.45
C ILE A 206 -9.80 -27.69 15.49
N CYS A 207 -11.06 -28.07 15.42
CA CYS A 207 -12.06 -27.51 16.33
C CYS A 207 -12.50 -28.52 17.39
N ASN A 208 -12.74 -28.02 18.61
CA ASN A 208 -13.47 -28.76 19.63
C ASN A 208 -14.52 -27.86 20.21
N GLY A 209 -15.77 -28.10 19.85
CA GLY A 209 -16.84 -27.26 20.27
C GLY A 209 -16.68 -25.91 19.59
N SER A 210 -16.79 -24.83 20.37
CA SER A 210 -16.78 -23.48 19.82
C SER A 210 -15.37 -22.96 19.55
N ARG A 211 -14.35 -23.78 19.81
CA ARG A 211 -12.94 -23.32 19.78
C ARG A 211 -12.05 -24.15 18.84
N CYS A 212 -11.36 -23.44 17.92
CA CYS A 212 -10.40 -24.09 17.04
C CYS A 212 -8.99 -23.54 17.28
N SER A 213 -8.03 -24.46 17.25
CA SER A 213 -6.67 -24.15 17.47
C SER A 213 -5.85 -24.90 16.47
N VAL A 214 -4.62 -24.46 16.28
CA VAL A 214 -3.81 -25.00 15.25
C VAL A 214 -3.48 -26.42 15.52
N LYS A 215 -3.83 -27.25 14.55
CA LYS A 215 -3.47 -28.61 14.53
C LYS A 215 -2.01 -28.75 14.89
N LYS A 216 -1.71 -29.46 15.97
CA LYS A 216 -0.35 -29.69 16.36
C LYS A 216 0.02 -31.17 16.15
N HIS B 1 20.37 -11.96 -3.08
CA HIS B 1 19.77 -13.32 -3.21
C HIS B 1 19.64 -14.02 -1.83
N HIS B 2 20.17 -13.39 -0.77
CA HIS B 2 20.07 -13.94 0.59
C HIS B 2 18.61 -14.02 1.00
N HIS B 3 17.79 -14.65 0.15
CA HIS B 3 16.41 -14.77 0.42
C HIS B 3 15.82 -13.31 0.39
N HIS B 4 16.17 -12.60 -0.70
CA HIS B 4 15.81 -11.17 -0.92
CA HIS B 4 15.81 -11.17 -0.92
C HIS B 4 15.42 -10.43 0.36
N HIS B 5 15.76 -11.01 1.51
CA HIS B 5 15.40 -10.45 2.83
C HIS B 5 13.89 -10.08 3.01
N HIS B 6 13.21 -9.64 1.92
CA HIS B 6 11.80 -9.21 1.99
C HIS B 6 11.06 -9.44 0.70
N GLY B 7 9.82 -9.88 0.84
CA GLY B 7 8.93 -9.95 -0.29
C GLY B 7 8.46 -8.54 -0.62
N GLY B 8 8.38 -8.23 -1.90
CA GLY B 8 8.07 -6.89 -2.36
C GLY B 8 7.24 -6.86 -3.63
N CYS B 9 6.62 -5.71 -3.87
CA CYS B 9 5.98 -5.42 -5.11
C CYS B 9 6.66 -4.20 -5.70
N ARG B 10 6.85 -4.17 -7.00
CA ARG B 10 7.43 -2.98 -7.64
C ARG B 10 6.63 -2.63 -8.86
N PRO B 11 6.10 -1.41 -8.90
CA PRO B 11 5.51 -0.93 -10.10
C PRO B 11 6.53 -0.72 -11.22
N SER B 12 6.05 -0.82 -12.44
CA SER B 12 6.71 -0.34 -13.65
C SER B 12 7.43 0.96 -13.46
N ALA B 13 8.52 1.16 -14.20
CA ALA B 13 9.41 2.33 -13.99
C ALA B 13 9.07 3.57 -14.85
N GLN B 14 8.21 3.42 -15.83
CA GLN B 14 7.98 4.52 -16.78
C GLN B 14 7.32 5.72 -16.13
N SER B 15 7.62 6.89 -16.66
CA SER B 15 6.95 8.11 -16.26
C SER B 15 5.48 7.97 -16.50
N LEU B 16 4.66 8.32 -15.50
CA LEU B 16 3.22 8.27 -15.65
C LEU B 16 2.71 9.60 -16.13
N GLU B 17 2.63 9.74 -17.44
CA GLU B 17 2.30 11.00 -18.05
C GLU B 17 1.25 10.74 -19.09
N ILE B 18 -0.01 11.00 -18.73
CA ILE B 18 -1.11 10.73 -19.62
C ILE B 18 -1.31 11.94 -20.54
N LYS B 19 -1.03 11.70 -21.82
CA LYS B 19 -0.91 12.76 -22.80
C LYS B 19 -2.18 12.91 -23.66
N HIS B 20 -2.81 14.07 -23.60
CA HIS B 20 -4.02 14.32 -24.38
C HIS B 20 -3.71 14.97 -25.74
N GLY B 21 -2.42 15.07 -26.06
CA GLY B 21 -1.98 15.63 -27.37
C GLY B 21 -2.40 17.08 -27.57
N ASP B 22 -2.34 17.55 -28.82
CA ASP B 22 -2.81 18.90 -29.17
C ASP B 22 -4.31 18.86 -29.26
N LEU B 23 -4.97 19.68 -28.48
CA LEU B 23 -6.40 19.75 -28.55
C LEU B 23 -6.76 20.85 -29.53
N SER B 24 -6.49 20.57 -30.83
CA SER B 24 -6.60 21.58 -31.93
C SER B 24 -7.45 21.08 -33.14
N ILE B 25 -7.18 19.85 -33.62
CA ILE B 25 -7.98 19.25 -34.74
C ILE B 25 -9.15 18.42 -34.19
N ASN B 26 -9.25 18.38 -32.87
CA ASN B 26 -10.37 17.77 -32.16
C ASN B 26 -10.75 18.63 -30.97
N SER B 27 -9.77 19.40 -30.45
CA SER B 27 -10.03 20.38 -29.38
C SER B 27 -11.26 19.94 -28.59
N ALA B 28 -11.11 18.81 -27.88
CA ALA B 28 -12.24 18.06 -27.39
C ALA B 28 -12.42 18.13 -25.89
N ASN B 29 -13.65 17.83 -25.48
CA ASN B 29 -14.04 17.81 -24.12
C ASN B 29 -14.15 16.38 -23.60
N ASN B 30 -14.78 15.51 -24.38
CA ASN B 30 -14.94 14.12 -23.96
C ASN B 30 -13.68 13.31 -24.31
N HIS B 31 -12.55 14.00 -24.35
CA HIS B 31 -11.31 13.40 -24.84
C HIS B 31 -10.75 12.36 -23.83
N TYR B 32 -10.25 11.24 -24.35
CA TYR B 32 -9.74 10.18 -23.53
C TYR B 32 -8.27 9.83 -23.85
N ALA B 33 -7.45 9.66 -22.79
CA ALA B 33 -6.09 9.18 -22.93
C ALA B 33 -5.80 8.22 -21.75
N ALA B 34 -4.84 7.32 -21.92
CA ALA B 34 -4.52 6.39 -20.84
C ALA B 34 -3.05 5.96 -20.82
N GLN B 35 -2.66 5.42 -19.68
CA GLN B 35 -1.32 4.92 -19.45
C GLN B 35 -1.46 3.64 -18.66
N THR B 36 -0.82 2.59 -19.11
CA THR B 36 -0.82 1.34 -18.41
C THR B 36 0.51 1.14 -17.76
N LEU B 37 0.50 0.77 -16.52
CA LEU B 37 1.71 0.33 -15.88
C LEU B 37 1.51 -1.08 -15.40
N SER B 38 2.57 -1.72 -15.04
CA SER B 38 2.45 -3.02 -14.43
C SER B 38 3.02 -2.98 -13.02
N VAL B 39 2.62 -3.95 -12.22
CA VAL B 39 3.15 -4.11 -10.90
C VAL B 39 3.60 -5.56 -10.76
N SER B 40 4.85 -5.78 -10.36
CA SER B 40 5.42 -7.16 -10.17
C SER B 40 5.63 -7.43 -8.71
N CYS B 41 5.00 -8.47 -8.20
CA CYS B 41 5.11 -8.86 -6.82
C CYS B 41 5.89 -10.19 -6.65
N ASP B 42 6.76 -10.24 -5.61
CA ASP B 42 7.55 -11.48 -5.21
C ASP B 42 6.71 -12.47 -4.45
N VAL B 43 5.62 -11.98 -3.91
CA VAL B 43 4.79 -12.73 -3.00
C VAL B 43 3.34 -12.55 -3.39
N PRO B 44 2.45 -13.32 -2.76
CA PRO B 44 1.07 -12.96 -3.00
C PRO B 44 0.87 -11.59 -2.43
N ALA B 45 -0.19 -10.92 -2.84
CA ALA B 45 -0.39 -9.58 -2.42
C ALA B 45 -1.80 -9.10 -2.66
N ASN B 46 -2.22 -8.15 -1.86
CA ASN B 46 -3.32 -7.35 -2.15
C ASN B 46 -2.74 -5.97 -2.23
N ILE B 47 -3.22 -5.18 -3.12
CA ILE B 47 -2.88 -3.80 -3.12
C ILE B 47 -4.15 -3.02 -3.34
N ARG B 48 -4.44 -2.15 -2.42
CA ARG B 48 -5.50 -1.23 -2.57
C ARG B 48 -4.95 0.02 -3.22
N PHE B 49 -5.49 0.34 -4.41
CA PHE B 49 -5.07 1.52 -5.16
C PHE B 49 -6.08 2.64 -4.95
N MET B 50 -5.61 3.79 -4.47
CA MET B 50 -6.48 4.92 -4.15
C MET B 50 -5.94 6.22 -4.79
N LEU B 51 -6.73 6.86 -5.65
CA LEU B 51 -6.33 8.16 -6.26
C LEU B 51 -6.54 9.27 -5.26
N LEU B 52 -5.54 10.12 -5.17
CA LEU B 52 -5.53 11.26 -4.33
C LEU B 52 -5.57 12.47 -5.24
N ARG B 53 -6.51 13.36 -4.97
CA ARG B 53 -6.66 14.58 -5.75
C ARG B 53 -5.65 15.62 -5.25
N ASN B 54 -4.86 16.16 -6.17
CA ASN B 54 -3.97 17.24 -5.85
C ASN B 54 -4.61 18.56 -6.31
N THR B 55 -4.70 18.75 -7.65
CA THR B 55 -5.37 19.93 -8.23
C THR B 55 -6.94 19.76 -8.19
N THR B 56 -7.64 20.75 -7.60
CA THR B 56 -9.13 20.65 -7.37
C THR B 56 -9.93 20.86 -8.65
N PRO B 57 -11.03 20.09 -8.79
CA PRO B 57 -11.85 20.15 -9.98
C PRO B 57 -12.76 21.39 -10.01
N THR B 58 -13.05 21.89 -11.21
CA THR B 58 -13.91 23.05 -11.39
C THR B 58 -15.35 22.68 -11.20
N TYR B 59 -15.70 21.47 -11.62
CA TYR B 59 -17.06 20.98 -11.53
C TYR B 59 -17.15 19.89 -10.49
N SER B 60 -18.38 19.60 -10.07
CA SER B 60 -18.64 18.46 -9.19
C SER B 60 -19.05 17.27 -10.02
N HIS B 61 -18.46 16.10 -9.75
CA HIS B 61 -18.71 14.94 -10.55
C HIS B 61 -19.29 13.83 -9.71
N GLY B 62 -19.84 14.20 -8.57
CA GLY B 62 -20.47 13.24 -7.71
C GLY B 62 -19.46 12.25 -7.18
N LYS B 63 -19.74 10.98 -7.35
CA LYS B 63 -18.90 9.93 -6.82
C LYS B 63 -17.72 9.57 -7.78
N LYS B 64 -17.67 10.22 -8.93
CA LYS B 64 -16.56 10.02 -9.86
C LYS B 64 -15.40 10.82 -9.40
N PHE B 65 -14.21 10.20 -9.38
CA PHE B 65 -13.02 10.92 -8.98
C PHE B 65 -12.52 11.83 -10.10
N SER B 66 -12.16 13.08 -9.74
CA SER B 66 -11.67 14.04 -10.75
C SER B 66 -10.53 14.89 -10.26
N VAL B 67 -9.85 15.48 -11.21
CA VAL B 67 -8.80 16.40 -10.97
C VAL B 67 -8.97 17.62 -11.92
N GLY B 68 -8.64 18.80 -11.44
CA GLY B 68 -8.65 19.99 -12.27
C GLY B 68 -7.41 20.06 -13.12
N LEU B 69 -7.57 20.48 -14.38
CA LEU B 69 -6.45 20.62 -15.33
C LEU B 69 -6.16 22.09 -15.61
N GLY B 70 -6.95 22.96 -15.03
CA GLY B 70 -6.79 24.37 -15.24
C GLY B 70 -7.73 24.90 -16.31
N HIS B 71 -7.88 26.23 -16.32
CA HIS B 71 -8.82 26.88 -17.18
C HIS B 71 -10.18 26.29 -16.89
N GLY B 72 -10.93 25.90 -17.89
CA GLY B 72 -12.27 25.41 -17.62
C GLY B 72 -12.37 23.91 -17.42
N TRP B 73 -11.23 23.22 -17.42
CA TRP B 73 -11.20 21.77 -17.65
C TRP B 73 -10.89 20.86 -16.43
N ASP B 74 -11.60 19.73 -16.39
CA ASP B 74 -11.39 18.65 -15.41
C ASP B 74 -11.06 17.37 -16.13
N SER B 75 -10.42 16.45 -15.40
CA SER B 75 -10.24 15.07 -15.86
C SER B 75 -10.92 14.15 -14.89
N ILE B 76 -11.78 13.26 -15.41
CA ILE B 76 -12.22 12.15 -14.64
C ILE B 76 -11.18 11.08 -14.80
N VAL B 77 -10.57 10.68 -13.67
CA VAL B 77 -9.48 9.74 -13.67
C VAL B 77 -9.97 8.39 -13.20
N SER B 78 -9.77 7.39 -14.03
CA SER B 78 -10.19 6.07 -13.74
C SER B 78 -8.99 5.18 -13.52
N VAL B 79 -9.21 4.05 -12.83
CA VAL B 79 -8.18 3.05 -12.63
C VAL B 79 -8.79 1.72 -12.94
N ASN B 80 -8.17 0.98 -13.84
CA ASN B 80 -8.72 -0.28 -14.32
C ASN B 80 -10.21 -0.19 -14.62
N GLY B 81 -10.60 0.90 -15.27
CA GLY B 81 -11.94 1.05 -15.81
C GLY B 81 -12.96 1.50 -14.79
N VAL B 82 -12.48 1.89 -13.59
CA VAL B 82 -13.36 2.34 -12.50
C VAL B 82 -13.15 3.83 -12.25
N ASP B 83 -14.26 4.59 -12.22
CA ASP B 83 -14.22 6.07 -12.15
C ASP B 83 -14.32 6.56 -10.73
N THR B 84 -14.41 5.62 -9.82
CA THR B 84 -14.84 5.89 -8.47
C THR B 84 -13.68 6.20 -7.50
N GLY B 85 -12.45 6.10 -7.97
CA GLY B 85 -11.31 6.58 -7.21
C GLY B 85 -10.52 5.54 -6.48
N GLU B 86 -10.93 4.29 -6.61
CA GLU B 86 -10.35 3.19 -5.84
C GLU B 86 -10.52 1.84 -6.55
N THR B 87 -9.49 1.00 -6.52
CA THR B 87 -9.62 -0.38 -6.93
C THR B 87 -8.60 -1.22 -6.19
N THR B 88 -8.85 -2.52 -6.07
CA THR B 88 -7.91 -3.42 -5.41
C THR B 88 -7.50 -4.50 -6.36
N MET B 89 -6.22 -4.75 -6.48
CA MET B 89 -5.75 -5.84 -7.29
C MET B 89 -5.17 -6.88 -6.38
N ARG B 90 -5.28 -8.13 -6.79
CA ARG B 90 -4.86 -9.21 -5.97
C ARG B 90 -3.97 -10.21 -6.73
N TRP B 91 -2.86 -10.61 -6.08
CA TRP B 91 -1.93 -11.60 -6.60
C TRP B 91 -2.02 -12.81 -5.70
N TYR B 92 -2.43 -13.95 -6.25
CA TYR B 92 -2.38 -15.23 -5.46
C TYR B 92 -0.98 -15.78 -5.43
N LYS B 93 -0.23 -15.53 -6.50
CA LYS B 93 1.14 -15.95 -6.62
C LYS B 93 1.97 -14.80 -7.13
N ALA B 94 3.28 -14.88 -6.93
CA ALA B 94 4.21 -13.96 -7.58
C ALA B 94 3.85 -13.86 -9.05
N GLY B 95 3.97 -12.66 -9.59
CA GLY B 95 3.62 -12.39 -10.98
C GLY B 95 3.43 -10.90 -11.19
N THR B 96 3.08 -10.50 -12.40
CA THR B 96 2.83 -9.11 -12.66
C THR B 96 1.48 -8.91 -13.31
N GLN B 97 0.81 -7.83 -12.94
CA GLN B 97 -0.47 -7.48 -13.53
C GLN B 97 -0.45 -6.05 -13.90
N ASN B 98 -1.31 -5.69 -14.84
CA ASN B 98 -1.38 -4.34 -15.34
C ASN B 98 -2.34 -3.54 -14.57
N LEU B 99 -2.06 -2.27 -14.43
CA LEU B 99 -2.99 -1.33 -13.88
C LEU B 99 -3.11 -0.15 -14.89
N THR B 100 -4.31 0.17 -15.31
CA THR B 100 -4.50 1.21 -16.33
C THR B 100 -5.15 2.42 -15.77
N ILE B 101 -4.50 3.57 -15.94
CA ILE B 101 -5.05 4.84 -15.50
C ILE B 101 -5.55 5.60 -16.68
N GLY B 102 -6.81 5.96 -16.64
CA GLY B 102 -7.45 6.63 -17.72
C GLY B 102 -7.83 8.03 -17.35
N SER B 103 -7.84 8.93 -18.34
CA SER B 103 -8.16 10.34 -18.15
C SER B 103 -9.19 10.79 -19.20
N ARG B 104 -10.35 11.26 -18.73
CA ARG B 104 -11.46 11.68 -19.59
C ARG B 104 -11.76 13.14 -19.33
N LEU B 105 -11.49 13.99 -20.31
CA LEU B 105 -11.64 15.43 -20.11
C LEU B 105 -13.10 15.83 -19.98
N TYR B 106 -13.36 16.81 -19.14
CA TYR B 106 -14.69 17.33 -18.96
C TYR B 106 -14.60 18.84 -18.82
N GLY B 107 -15.38 19.53 -19.65
CA GLY B 107 -15.45 20.99 -19.64
C GLY B 107 -16.81 21.44 -20.08
N GLU B 108 -17.29 22.52 -19.47
CA GLU B 108 -18.64 22.97 -19.71
C GLU B 108 -18.75 23.80 -21.00
N SER B 109 -18.31 25.06 -20.91
CA SER B 109 -18.45 26.03 -22.01
C SER B 109 -18.53 27.40 -21.39
N SER B 110 -19.40 27.52 -20.38
CA SER B 110 -19.50 28.72 -19.58
C SER B 110 -18.17 28.97 -18.88
N LYS B 111 -17.74 27.97 -18.10
CA LYS B 111 -16.51 28.08 -17.30
C LYS B 111 -15.26 27.89 -18.14
N ILE B 112 -15.42 27.32 -19.33
CA ILE B 112 -14.27 26.96 -20.19
C ILE B 112 -13.20 28.07 -20.26
N GLN B 113 -12.18 27.83 -21.10
CA GLN B 113 -11.11 28.82 -21.31
C GLN B 113 -10.00 28.20 -22.18
N PRO B 114 -9.36 29.04 -23.01
CA PRO B 114 -8.46 28.66 -24.16
C PRO B 114 -7.15 27.87 -23.83
N GLY B 115 -6.45 28.23 -22.77
CA GLY B 115 -5.02 27.82 -22.57
C GLY B 115 -4.67 26.31 -22.41
N VAL B 116 -3.36 26.07 -22.14
CA VAL B 116 -2.77 24.71 -21.97
C VAL B 116 -3.32 23.97 -20.76
N LEU B 117 -3.46 22.66 -20.88
CA LEU B 117 -3.98 21.87 -19.77
C LEU B 117 -2.86 21.14 -19.01
N SER B 118 -2.96 21.17 -17.70
CA SER B 118 -1.97 20.52 -16.84
C SER B 118 -2.60 20.15 -15.50
N GLY B 119 -2.43 18.88 -15.10
CA GLY B 119 -3.00 18.36 -13.83
C GLY B 119 -2.16 17.25 -13.21
N SER B 120 -2.49 16.89 -11.98
CA SER B 120 -1.74 15.88 -11.27
C SER B 120 -2.59 15.17 -10.28
N ALA B 121 -2.30 13.89 -10.09
CA ALA B 121 -2.92 13.12 -9.08
C ALA B 121 -1.87 12.18 -8.48
N THR B 122 -2.17 11.61 -7.34
CA THR B 122 -1.32 10.64 -6.73
C THR B 122 -2.05 9.34 -6.68
N LEU B 123 -1.39 8.27 -7.10
CA LEU B 123 -1.93 6.96 -6.94
C LEU B 123 -1.28 6.34 -5.74
N LEU B 124 -2.08 6.14 -4.69
CA LEU B 124 -1.60 5.58 -3.47
C LEU B 124 -1.82 4.08 -3.43
N MET B 125 -0.75 3.35 -3.13
CA MET B 125 -0.79 1.92 -2.97
C MET B 125 -0.69 1.59 -1.51
N ILE B 126 -1.78 1.02 -0.96
CA ILE B 126 -1.82 0.64 0.46
C ILE B 126 -1.68 -0.90 0.61
N LEU B 127 -0.63 -1.34 1.26
CA LEU B 127 -0.36 -2.77 1.41
C LEU B 127 -0.68 -3.23 2.78
N PRO B 128 -1.43 -4.34 2.88
CA PRO B 128 -1.74 -4.91 4.14
C PRO B 128 -0.56 -5.78 4.68
#